data_7RP4
#
_entry.id   7RP4
#
_cell.length_a   33.586
_cell.length_b   43.985
_cell.length_c   65.305
_cell.angle_alpha   88.970
_cell.angle_beta   84.940
_cell.angle_gamma   80.010
#
_symmetry.space_group_name_H-M   'P 1'
#
loop_
_entity.id
_entity.type
_entity.pdbx_description
1 polymer 'Isoform 2B of GTPase KRas'
2 non-polymer 1-[4-[6-chloranyl-7-(5-methyl-1~{H}-indazol-4-yl)quinazolin-4-yl]piperazin-1-yl]propan-1-one
3 non-polymer "GUANOSINE-5'-DIPHOSPHATE"
4 non-polymer 'MAGNESIUM ION'
5 non-polymer GLYCEROL
6 water water
#
_entity_poly.entity_id   1
_entity_poly.type   'polypeptide(L)'
_entity_poly.pdbx_seq_one_letter_code
;GSTEYKLVVVGACGVGKSALTIQLIQNHFVDEYDPTIEDSYRKQVVIDGETSLLDILDTAGQEEYSAMRDQYMRTGEGFL
LVFAINNTKSFEDIHHYREQIKRVKDSEDVPMVLVGNKSDLPSRTVDTKQAQDLARSYGIPFIETSAKTRQGVDDAFYTL
VREIRKHKEK
;
_entity_poly.pdbx_strand_id   A,B
#
loop_
_chem_comp.id
_chem_comp.type
_chem_comp.name
_chem_comp.formula
GDP RNA linking GUANOSINE-5'-DIPHOSPHATE 'C10 H15 N5 O11 P2'
GOL non-polymer GLYCEROL 'C3 H8 O3'
MG non-polymer 'MAGNESIUM ION' 'Mg 2'
MKZ non-polymer 1-[4-[6-chloranyl-7-(5-methyl-1~{H}-indazol-4-yl)quinazolin-4-yl]piperazin-1-yl]propan-1-one 'C23 H23 Cl N6 O'
#
# COMPACT_ATOMS: atom_id res chain seq x y z
N SER A 2 20.01 21.53 -17.72
CA SER A 2 20.88 21.52 -16.54
C SER A 2 20.68 20.25 -15.71
N THR A 3 19.72 20.28 -14.80
CA THR A 3 19.48 19.14 -13.92
C THR A 3 18.90 17.98 -14.71
N GLU A 4 19.54 16.82 -14.62
CA GLU A 4 19.12 15.63 -15.35
C GLU A 4 18.23 14.77 -14.47
N TYR A 5 17.10 14.33 -15.03
CA TYR A 5 16.15 13.46 -14.34
C TYR A 5 16.00 12.17 -15.13
N LYS A 6 16.30 11.04 -14.48
CA LYS A 6 16.23 9.73 -15.12
C LYS A 6 14.91 9.08 -14.73
N LEU A 7 13.98 9.06 -15.68
CA LEU A 7 12.65 8.48 -15.48
C LEU A 7 12.54 7.14 -16.17
N VAL A 8 11.72 6.27 -15.60
CA VAL A 8 11.45 4.94 -16.15
C VAL A 8 9.94 4.76 -16.21
N VAL A 9 9.44 4.27 -17.35
CA VAL A 9 8.01 4.06 -17.55
C VAL A 9 7.77 2.56 -17.57
N VAL A 10 6.97 2.07 -16.61
CA VAL A 10 6.65 0.66 -16.50
C VAL A 10 5.15 0.48 -16.66
N GLY A 11 4.73 -0.77 -16.76
CA GLY A 11 3.34 -1.09 -17.00
C GLY A 11 3.17 -2.23 -17.98
N ALA A 12 1.96 -2.79 -18.03
CA ALA A 12 1.71 -3.96 -18.85
C ALA A 12 1.75 -3.59 -20.34
N CYS A 13 1.63 -4.61 -21.18
CA CYS A 13 1.68 -4.41 -22.62
C CYS A 13 0.41 -3.72 -23.11
N GLY A 14 0.57 -2.67 -23.90
CA GLY A 14 -0.56 -2.00 -24.49
C GLY A 14 -1.26 -0.99 -23.61
N VAL A 15 -0.68 -0.63 -22.46
CA VAL A 15 -1.29 0.37 -21.61
C VAL A 15 -1.05 1.78 -22.13
N GLY A 16 -0.09 1.97 -23.02
CA GLY A 16 0.25 3.26 -23.55
C GLY A 16 1.57 3.84 -23.09
N LYS A 17 2.51 3.01 -22.63
CA LYS A 17 3.80 3.53 -22.19
C LYS A 17 4.51 4.27 -23.32
N SER A 18 4.63 3.63 -24.49
CA SER A 18 5.28 4.28 -25.62
C SER A 18 4.48 5.50 -26.09
N ALA A 19 3.16 5.36 -26.19
CA ALA A 19 2.34 6.45 -26.69
C ALA A 19 2.40 7.67 -25.76
N LEU A 20 2.45 7.43 -24.44
CA LEU A 20 2.59 8.54 -23.51
C LEU A 20 3.93 9.23 -23.66
N THR A 21 5.01 8.45 -23.82
CA THR A 21 6.34 9.03 -23.96
C THR A 21 6.47 9.79 -25.27
N ILE A 22 5.95 9.25 -26.36
CA ILE A 22 6.06 9.91 -27.65
C ILE A 22 5.29 11.23 -27.63
N GLN A 23 4.13 11.25 -27.00
CA GLN A 23 3.36 12.50 -26.89
C GLN A 23 4.14 13.57 -26.14
N LEU A 24 4.79 13.18 -25.04
CA LEU A 24 5.57 14.14 -24.28
C LEU A 24 6.75 14.66 -25.09
N ILE A 25 7.45 13.77 -25.79
CA ILE A 25 8.65 14.18 -26.51
C ILE A 25 8.30 14.90 -27.80
N GLN A 26 7.41 14.31 -28.60
CA GLN A 26 7.21 14.73 -29.98
C GLN A 26 5.85 15.34 -30.28
N ASN A 27 4.92 15.35 -29.32
CA ASN A 27 3.63 16.02 -29.46
C ASN A 27 2.80 15.43 -30.58
N HIS A 28 2.65 14.10 -30.58
CA HIS A 28 1.75 13.43 -31.51
C HIS A 28 1.41 12.06 -30.98
N PHE A 29 0.18 11.64 -31.23
CA PHE A 29 -0.33 10.35 -30.77
C PHE A 29 -0.08 9.28 -31.82
N VAL A 30 0.53 8.18 -31.40
CA VAL A 30 0.84 7.06 -32.29
C VAL A 30 -0.25 6.01 -32.14
N ASP A 31 -0.85 5.61 -33.27
CA ASP A 31 -1.86 4.56 -33.24
C ASP A 31 -1.25 3.19 -32.99
N GLU A 32 -0.01 3.00 -33.41
CA GLU A 32 0.71 1.75 -33.19
C GLU A 32 2.19 2.07 -33.05
N TYR A 33 2.86 1.36 -32.15
CA TYR A 33 4.29 1.51 -31.96
C TYR A 33 4.86 0.13 -31.64
N ASP A 34 6.07 -0.14 -32.13
CA ASP A 34 6.72 -1.43 -31.97
C ASP A 34 6.75 -1.84 -30.50
N PRO A 35 6.01 -2.88 -30.11
CA PRO A 35 5.94 -3.24 -28.70
C PRO A 35 7.22 -3.88 -28.14
N THR A 36 8.25 -4.07 -28.97
CA THR A 36 9.50 -4.64 -28.49
C THR A 36 10.56 -3.58 -28.19
N ILE A 37 10.45 -2.39 -28.78
CA ILE A 37 11.44 -1.33 -28.62
C ILE A 37 11.50 -0.87 -27.17
N GLU A 38 12.62 -1.13 -26.51
CA GLU A 38 12.88 -0.69 -25.14
C GLU A 38 14.11 0.22 -25.19
N ASP A 39 13.88 1.53 -25.21
CA ASP A 39 14.97 2.49 -25.34
C ASP A 39 14.59 3.76 -24.56
N SER A 40 15.57 4.64 -24.40
CA SER A 40 15.41 5.87 -23.64
C SER A 40 15.36 7.07 -24.57
N TYR A 41 14.68 8.13 -24.12
CA TYR A 41 14.47 9.33 -24.90
C TYR A 41 14.80 10.55 -24.06
N ARG A 42 15.48 11.52 -24.67
CA ARG A 42 15.87 12.76 -24.01
C ARG A 42 14.99 13.92 -24.47
N LYS A 43 14.78 14.87 -23.56
CA LYS A 43 14.05 16.09 -23.89
C LYS A 43 14.34 17.12 -22.81
N GLN A 44 14.62 18.36 -23.24
CA GLN A 44 14.87 19.45 -22.32
C GLN A 44 13.57 20.24 -22.12
N VAL A 45 13.16 20.38 -20.87
CA VAL A 45 11.94 21.08 -20.51
C VAL A 45 12.24 22.05 -19.36
N VAL A 46 11.25 22.90 -19.07
CA VAL A 46 11.32 23.84 -17.96
C VAL A 46 10.19 23.50 -17.00
N ILE A 47 10.53 23.12 -15.78
CA ILE A 47 9.56 22.68 -14.77
C ILE A 47 9.70 23.58 -13.56
N ASP A 48 8.63 24.31 -13.24
CA ASP A 48 8.61 25.21 -12.09
C ASP A 48 9.76 26.22 -12.15
N GLY A 49 10.03 26.73 -13.36
CA GLY A 49 11.10 27.68 -13.57
C GLY A 49 12.48 27.08 -13.35
N GLU A 50 12.77 25.96 -14.01
CA GLU A 50 14.05 25.30 -13.87
C GLU A 50 14.27 24.40 -15.07
N THR A 51 15.40 24.57 -15.75
CA THR A 51 15.73 23.75 -16.92
C THR A 51 16.05 22.33 -16.46
N SER A 52 15.22 21.38 -16.89
CA SER A 52 15.36 19.98 -16.50
C SER A 52 15.56 19.13 -17.74
N LEU A 53 16.56 18.26 -17.71
CA LEU A 53 16.84 17.31 -18.79
C LEU A 53 16.21 15.98 -18.43
N LEU A 54 15.12 15.63 -19.11
CA LEU A 54 14.38 14.41 -18.83
C LEU A 54 14.93 13.27 -19.67
N ASP A 55 15.38 12.21 -19.00
CA ASP A 55 15.86 10.98 -19.64
C ASP A 55 14.87 9.89 -19.29
N ILE A 56 14.10 9.46 -20.29
CA ILE A 56 12.91 8.63 -20.08
C ILE A 56 13.13 7.28 -20.74
N LEU A 57 13.26 6.23 -19.92
CA LEU A 57 13.39 4.87 -20.42
C LEU A 57 11.99 4.28 -20.64
N ASP A 58 11.68 3.96 -21.90
CA ASP A 58 10.40 3.37 -22.26
C ASP A 58 10.58 1.85 -22.28
N THR A 59 10.14 1.18 -21.22
CA THR A 59 10.34 -0.26 -21.12
C THR A 59 9.38 -1.01 -22.05
N ALA A 60 9.87 -2.14 -22.56
CA ALA A 60 9.06 -3.01 -23.41
C ALA A 60 9.63 -4.43 -23.39
N GLY A 61 9.97 -4.96 -24.57
CA GLY A 61 10.61 -6.26 -24.63
C GLY A 61 9.67 -7.39 -24.25
N GLN A 62 10.19 -8.34 -23.49
CA GLN A 62 9.46 -9.54 -23.10
C GLN A 62 9.27 -9.55 -21.59
N GLU A 63 8.63 -10.61 -21.09
CA GLU A 63 8.29 -10.74 -19.67
C GLU A 63 9.35 -11.57 -18.94
N GLU A 64 10.59 -11.11 -19.01
CA GLU A 64 11.71 -11.85 -18.44
C GLU A 64 12.53 -10.94 -17.53
N TYR A 65 13.06 -11.52 -16.46
CA TYR A 65 13.97 -10.82 -15.58
C TYR A 65 15.35 -10.70 -16.22
N SER A 66 16.04 -9.62 -15.89
CA SER A 66 17.38 -9.39 -16.42
C SER A 66 18.17 -8.56 -15.42
N ALA A 67 19.44 -8.93 -15.23
CA ALA A 67 20.34 -8.11 -14.44
C ALA A 67 20.55 -6.75 -15.09
N MET A 68 20.42 -6.67 -16.41
CA MET A 68 20.50 -5.39 -17.09
C MET A 68 19.29 -4.52 -16.77
N ARG A 69 18.10 -5.13 -16.75
CA ARG A 69 16.91 -4.39 -16.37
C ARG A 69 16.96 -3.96 -14.91
N ASP A 70 17.60 -4.75 -14.04
CA ASP A 70 17.82 -4.30 -12.67
C ASP A 70 18.65 -3.04 -12.63
N GLN A 71 19.67 -2.94 -13.48
CA GLN A 71 20.48 -1.73 -13.54
C GLN A 71 19.67 -0.56 -14.06
N TYR A 72 18.70 -0.82 -14.93
CA TYR A 72 17.83 0.25 -15.42
C TYR A 72 17.04 0.89 -14.28
N MET A 73 16.45 0.05 -13.41
CA MET A 73 15.72 0.57 -12.27
C MET A 73 16.66 1.15 -11.22
N ARG A 74 17.87 0.60 -11.11
CA ARG A 74 18.86 1.16 -10.20
C ARG A 74 19.28 2.55 -10.65
N THR A 75 19.40 2.75 -11.96
CA THR A 75 19.74 4.07 -12.50
C THR A 75 18.55 5.03 -12.41
N GLY A 76 17.33 4.52 -12.52
CA GLY A 76 16.17 5.38 -12.55
C GLY A 76 15.95 6.07 -11.20
N GLU A 77 15.45 7.30 -11.28
CA GLU A 77 15.11 8.08 -10.10
C GLU A 77 13.62 8.16 -9.83
N GLY A 78 12.79 8.09 -10.87
CA GLY A 78 11.35 8.07 -10.71
C GLY A 78 10.74 7.08 -11.67
N PHE A 79 9.54 6.61 -11.31
CA PHE A 79 8.88 5.55 -12.06
C PHE A 79 7.41 5.89 -12.25
N LEU A 80 6.94 5.86 -13.49
CA LEU A 80 5.53 5.99 -13.80
C LEU A 80 4.88 4.61 -13.82
N LEU A 81 3.93 4.38 -12.93
CA LEU A 81 3.19 3.12 -12.89
C LEU A 81 1.96 3.29 -13.79
N VAL A 82 2.08 2.85 -15.04
CA VAL A 82 1.05 3.09 -16.05
C VAL A 82 0.17 1.86 -16.18
N PHE A 83 -1.15 2.07 -16.10
CA PHE A 83 -2.15 1.07 -16.44
C PHE A 83 -3.19 1.72 -17.34
N ALA A 84 -4.04 0.89 -17.93
CA ALA A 84 -5.10 1.35 -18.81
C ALA A 84 -6.44 1.20 -18.09
N ILE A 85 -7.22 2.29 -18.07
CA ILE A 85 -8.49 2.30 -17.36
C ILE A 85 -9.52 1.36 -17.95
N ASN A 86 -9.26 0.80 -19.14
CA ASN A 86 -10.13 -0.19 -19.75
C ASN A 86 -9.57 -1.59 -19.67
N ASN A 87 -8.49 -1.78 -18.92
CA ASN A 87 -7.83 -3.08 -18.79
C ASN A 87 -7.59 -3.34 -17.30
N THR A 88 -8.50 -4.13 -16.69
CA THR A 88 -8.37 -4.44 -15.27
C THR A 88 -7.11 -5.25 -14.99
N LYS A 89 -6.72 -6.11 -15.92
CA LYS A 89 -5.50 -6.90 -15.73
C LYS A 89 -4.27 -6.01 -15.56
N SER A 90 -4.18 -4.94 -16.36
CA SER A 90 -3.06 -4.03 -16.23
C SER A 90 -3.06 -3.32 -14.88
N PHE A 91 -4.25 -3.04 -14.34
CA PHE A 91 -4.32 -2.42 -13.03
C PHE A 91 -3.86 -3.37 -11.94
N GLU A 92 -4.23 -4.65 -12.04
CA GLU A 92 -3.74 -5.64 -11.08
C GLU A 92 -2.23 -5.83 -11.19
N ASP A 93 -1.65 -5.57 -12.37
CA ASP A 93 -0.22 -5.75 -12.54
C ASP A 93 0.59 -4.66 -11.86
N ILE A 94 -0.03 -3.54 -11.48
CA ILE A 94 0.70 -2.42 -10.90
C ILE A 94 1.48 -2.87 -9.67
N HIS A 95 0.84 -3.71 -8.82
CA HIS A 95 1.52 -4.23 -7.64
C HIS A 95 2.82 -4.92 -8.00
N HIS A 96 2.79 -5.78 -9.04
CA HIS A 96 3.99 -6.50 -9.46
C HIS A 96 5.10 -5.54 -9.87
N TYR A 97 4.76 -4.49 -10.62
CA TYR A 97 5.79 -3.56 -11.08
C TYR A 97 6.39 -2.78 -9.93
N ARG A 98 5.57 -2.31 -9.00
CA ARG A 98 6.10 -1.64 -7.81
C ARG A 98 6.98 -2.58 -7.00
N GLU A 99 6.60 -3.86 -6.91
CA GLU A 99 7.40 -4.81 -6.14
C GLU A 99 8.77 -5.03 -6.77
N GLN A 100 8.84 -5.05 -8.11
CA GLN A 100 10.13 -5.28 -8.76
C GLN A 100 11.04 -4.07 -8.65
N ILE A 101 10.48 -2.87 -8.63
CA ILE A 101 11.29 -1.67 -8.43
C ILE A 101 11.80 -1.60 -6.99
N LYS A 102 10.91 -1.86 -6.02
CA LYS A 102 11.34 -1.89 -4.63
C LYS A 102 12.38 -2.98 -4.39
N ARG A 103 12.31 -4.09 -5.13
CA ARG A 103 13.31 -5.13 -5.01
C ARG A 103 14.69 -4.61 -5.37
N VAL A 104 14.79 -3.83 -6.45
CA VAL A 104 16.09 -3.38 -6.93
C VAL A 104 16.65 -2.28 -6.03
N LYS A 105 15.87 -1.21 -5.81
CA LYS A 105 16.38 -0.06 -5.07
C LYS A 105 16.47 -0.30 -3.57
N ASP A 106 15.99 -1.45 -3.08
CA ASP A 106 16.11 -1.82 -1.67
C ASP A 106 15.53 -0.74 -0.77
N SER A 107 14.36 -0.21 -1.16
CA SER A 107 13.75 0.87 -0.42
C SER A 107 12.27 0.92 -0.75
N GLU A 108 11.46 1.22 0.26
CA GLU A 108 10.03 1.49 0.07
C GLU A 108 9.77 2.96 -0.19
N ASP A 109 10.81 3.79 -0.22
CA ASP A 109 10.68 5.23 -0.40
C ASP A 109 11.27 5.58 -1.77
N VAL A 110 10.50 5.27 -2.82
CA VAL A 110 10.93 5.44 -4.20
C VAL A 110 9.95 6.40 -4.86
N PRO A 111 10.41 7.44 -5.56
CA PRO A 111 9.49 8.35 -6.26
C PRO A 111 8.72 7.63 -7.35
N MET A 112 7.39 7.61 -7.22
CA MET A 112 6.53 6.92 -8.18
C MET A 112 5.26 7.72 -8.36
N VAL A 113 4.61 7.50 -9.51
CA VAL A 113 3.33 8.11 -9.83
C VAL A 113 2.45 7.05 -10.47
N LEU A 114 1.20 6.94 -10.01
CA LEU A 114 0.23 6.04 -10.63
C LEU A 114 -0.46 6.75 -11.78
N VAL A 115 -0.45 6.12 -12.95
CA VAL A 115 -0.92 6.74 -14.18
C VAL A 115 -2.06 5.88 -14.74
N GLY A 116 -3.27 6.44 -14.75
CA GLY A 116 -4.38 5.79 -15.40
C GLY A 116 -4.55 6.29 -16.82
N ASN A 117 -4.08 5.52 -17.79
CA ASN A 117 -4.04 5.98 -19.17
C ASN A 117 -5.34 5.65 -19.91
N LYS A 118 -5.46 6.19 -21.13
CA LYS A 118 -6.59 5.96 -22.01
C LYS A 118 -7.88 6.51 -21.42
N SER A 119 -7.79 7.68 -20.76
CA SER A 119 -8.95 8.33 -20.20
C SER A 119 -9.95 8.83 -21.25
N ASP A 120 -9.53 8.89 -22.51
CA ASP A 120 -10.48 9.27 -23.57
C ASP A 120 -11.46 8.17 -23.89
N LEU A 121 -11.16 6.92 -23.52
CA LEU A 121 -12.01 5.80 -23.90
C LEU A 121 -13.24 5.70 -22.98
N PRO A 122 -14.39 5.28 -23.51
CA PRO A 122 -15.60 5.22 -22.68
C PRO A 122 -15.77 3.88 -21.97
N SER A 123 -15.05 2.86 -22.43
CA SER A 123 -15.21 1.50 -21.91
C SER A 123 -14.38 1.29 -20.64
N ARG A 124 -14.71 2.08 -19.62
CA ARG A 124 -13.94 2.06 -18.38
C ARG A 124 -14.27 0.82 -17.55
N THR A 125 -13.23 0.11 -17.12
CA THR A 125 -13.38 -1.04 -16.26
C THR A 125 -12.70 -0.89 -14.90
N VAL A 126 -11.92 0.17 -14.70
CA VAL A 126 -11.25 0.42 -13.43
C VAL A 126 -11.77 1.75 -12.88
N ASP A 127 -12.39 1.71 -11.72
CA ASP A 127 -12.94 2.91 -11.11
C ASP A 127 -11.84 3.88 -10.71
N THR A 128 -12.13 5.17 -10.81
CA THR A 128 -11.20 6.18 -10.33
C THR A 128 -10.97 6.05 -8.84
N LYS A 129 -12.02 5.67 -8.09
CA LYS A 129 -11.90 5.57 -6.65
C LYS A 129 -10.89 4.50 -6.25
N GLN A 130 -10.99 3.30 -6.82
CA GLN A 130 -10.06 2.24 -6.49
C GLN A 130 -8.66 2.54 -7.00
N ALA A 131 -8.52 3.39 -8.02
CA ALA A 131 -7.19 3.84 -8.42
C ALA A 131 -6.65 4.87 -7.43
N GLN A 132 -7.51 5.76 -6.93
CA GLN A 132 -7.11 6.65 -5.86
C GLN A 132 -6.82 5.88 -4.57
N ASP A 133 -7.63 4.86 -4.27
CA ASP A 133 -7.42 4.08 -3.05
C ASP A 133 -6.07 3.38 -3.08
N LEU A 134 -5.65 2.89 -4.25
CA LEU A 134 -4.35 2.23 -4.35
C LEU A 134 -3.22 3.23 -4.20
N ALA A 135 -3.31 4.37 -4.89
CA ALA A 135 -2.26 5.39 -4.79
C ALA A 135 -2.16 5.93 -3.36
N ARG A 136 -3.30 6.05 -2.67
CA ARG A 136 -3.26 6.42 -1.26
C ARG A 136 -2.51 5.38 -0.44
N SER A 137 -2.74 4.10 -0.71
CA SER A 137 -2.04 3.04 0.01
C SER A 137 -0.54 3.04 -0.32
N TYR A 138 -0.18 3.34 -1.57
CA TYR A 138 1.23 3.48 -1.91
C TYR A 138 1.82 4.80 -1.43
N GLY A 139 0.98 5.77 -1.10
CA GLY A 139 1.46 7.10 -0.75
C GLY A 139 2.04 7.86 -1.92
N ILE A 140 1.45 7.71 -3.10
CA ILE A 140 1.97 8.32 -4.32
C ILE A 140 0.83 9.05 -5.03
N PRO A 141 1.16 10.02 -5.88
CA PRO A 141 0.11 10.71 -6.65
C PRO A 141 -0.51 9.78 -7.69
N PHE A 142 -1.76 10.10 -8.03
CA PHE A 142 -2.49 9.41 -9.09
C PHE A 142 -3.01 10.43 -10.09
N ILE A 143 -2.71 10.20 -11.36
CA ILE A 143 -3.08 11.13 -12.43
C ILE A 143 -3.72 10.35 -13.57
N GLU A 144 -4.89 10.79 -14.01
CA GLU A 144 -5.54 10.21 -15.17
C GLU A 144 -5.04 10.91 -16.42
N THR A 145 -4.49 10.14 -17.36
CA THR A 145 -3.92 10.69 -18.57
C THR A 145 -4.55 10.06 -19.81
N SER A 146 -4.32 10.71 -20.95
CA SER A 146 -4.74 10.19 -22.25
C SER A 146 -3.66 10.58 -23.25
N ALA A 147 -2.98 9.60 -23.81
CA ALA A 147 -1.98 9.88 -24.84
C ALA A 147 -2.60 10.31 -26.16
N LYS A 148 -3.92 10.18 -26.31
CA LYS A 148 -4.58 10.58 -27.54
C LYS A 148 -4.88 12.08 -27.56
N THR A 149 -5.44 12.60 -26.46
CA THR A 149 -5.78 14.01 -26.35
C THR A 149 -4.72 14.82 -25.61
N ARG A 150 -3.64 14.17 -25.17
CA ARG A 150 -2.56 14.78 -24.39
C ARG A 150 -3.02 15.25 -23.01
N GLN A 151 -4.23 14.91 -22.61
CA GLN A 151 -4.77 15.36 -21.33
C GLN A 151 -4.04 14.66 -20.19
N GLY A 152 -3.47 15.45 -19.27
CA GLY A 152 -2.75 14.91 -18.13
C GLY A 152 -1.36 14.41 -18.41
N VAL A 153 -0.90 14.46 -19.66
CA VAL A 153 0.41 13.91 -20.00
C VAL A 153 1.53 14.72 -19.36
N ASP A 154 1.50 16.04 -19.54
CA ASP A 154 2.51 16.89 -18.90
C ASP A 154 2.46 16.78 -17.38
N ASP A 155 1.25 16.77 -16.81
CA ASP A 155 1.11 16.67 -15.38
C ASP A 155 1.67 15.35 -14.84
N ALA A 156 1.58 14.28 -15.64
CA ALA A 156 2.08 12.99 -15.19
C ALA A 156 3.59 13.02 -14.98
N PHE A 157 4.34 13.43 -16.00
CA PHE A 157 5.79 13.45 -15.90
C PHE A 157 6.28 14.54 -14.95
N TYR A 158 5.61 15.71 -14.96
CA TYR A 158 6.06 16.81 -14.10
C TYR A 158 5.87 16.48 -12.63
N THR A 159 4.76 15.82 -12.29
CA THR A 159 4.54 15.42 -10.90
C THR A 159 5.62 14.45 -10.44
N LEU A 160 6.05 13.55 -11.34
CA LEU A 160 7.13 12.63 -10.99
C LEU A 160 8.43 13.38 -10.74
N VAL A 161 8.70 14.42 -11.54
CA VAL A 161 9.89 15.24 -11.32
C VAL A 161 9.82 15.91 -9.97
N ARG A 162 8.66 16.45 -9.60
CA ARG A 162 8.50 17.08 -8.29
C ARG A 162 8.63 16.06 -7.17
N GLU A 163 8.20 14.81 -7.41
CA GLU A 163 8.41 13.76 -6.42
C GLU A 163 9.90 13.47 -6.24
N ILE A 164 10.67 13.52 -7.32
CA ILE A 164 12.12 13.30 -7.21
C ILE A 164 12.77 14.44 -6.45
N ARG A 165 12.33 15.67 -6.70
CA ARG A 165 12.89 16.82 -5.98
C ARG A 165 12.65 16.70 -4.49
N LYS A 166 11.44 16.31 -4.09
CA LYS A 166 11.16 16.13 -2.65
C LYS A 166 12.00 15.00 -2.08
N HIS A 167 12.19 13.92 -2.85
CA HIS A 167 12.98 12.80 -2.37
C HIS A 167 14.43 13.20 -2.13
N LYS A 168 14.96 14.09 -2.98
CA LYS A 168 16.33 14.57 -2.78
C LYS A 168 16.46 15.35 -1.49
N GLU A 169 15.51 16.25 -1.22
CA GLU A 169 15.53 17.00 0.03
C GLU A 169 15.32 16.09 1.23
N LYS A 170 14.55 15.01 1.07
CA LYS A 170 14.30 14.06 2.13
C LYS A 170 15.55 13.23 2.43
N SER B 2 7.17 -19.52 26.96
CA SER B 2 8.58 -19.53 26.58
C SER B 2 8.97 -18.22 25.90
N THR B 3 8.47 -18.01 24.69
CA THR B 3 8.75 -16.82 23.91
C THR B 3 7.61 -15.82 24.09
N GLU B 4 7.96 -14.56 24.33
CA GLU B 4 6.98 -13.50 24.54
C GLU B 4 6.81 -12.68 23.27
N TYR B 5 5.57 -12.44 22.89
CA TYR B 5 5.24 -11.63 21.71
C TYR B 5 4.43 -10.42 22.15
N LYS B 6 4.92 -9.23 21.80
CA LYS B 6 4.25 -7.98 22.14
C LYS B 6 3.28 -7.61 21.02
N LEU B 7 1.99 -7.73 21.28
CA LEU B 7 0.96 -7.42 20.30
C LEU B 7 0.26 -6.11 20.67
N VAL B 8 -0.09 -5.33 19.65
CA VAL B 8 -0.78 -4.06 19.82
C VAL B 8 -2.01 -4.06 18.93
N VAL B 9 -3.17 -3.77 19.51
CA VAL B 9 -4.43 -3.73 18.78
C VAL B 9 -4.83 -2.28 18.58
N VAL B 10 -4.92 -1.86 17.32
CA VAL B 10 -5.29 -0.51 16.96
C VAL B 10 -6.53 -0.54 16.10
N GLY B 11 -7.12 0.62 15.90
CA GLY B 11 -8.34 0.76 15.13
C GLY B 11 -9.29 1.73 15.79
N ALA B 12 -10.28 2.18 15.01
CA ALA B 12 -11.22 3.20 15.45
C ALA B 12 -12.00 2.74 16.67
N CYS B 13 -12.66 3.70 17.31
CA CYS B 13 -13.43 3.43 18.52
C CYS B 13 -14.66 2.59 18.19
N GLY B 14 -14.86 1.52 18.96
CA GLY B 14 -16.03 0.69 18.82
C GLY B 14 -15.97 -0.39 17.76
N VAL B 15 -14.78 -0.65 17.19
CA VAL B 15 -14.67 -1.67 16.16
C VAL B 15 -14.54 -3.08 16.74
N GLY B 16 -14.39 -3.20 18.04
CA GLY B 16 -14.25 -4.47 18.70
C GLY B 16 -12.85 -4.82 19.19
N LYS B 17 -11.97 -3.84 19.38
CA LYS B 17 -10.62 -4.13 19.84
C LYS B 17 -10.65 -4.82 21.20
N SER B 18 -11.44 -4.30 22.13
CA SER B 18 -11.54 -4.90 23.45
C SER B 18 -12.21 -6.27 23.39
N ALA B 19 -13.29 -6.39 22.59
CA ALA B 19 -14.02 -7.65 22.56
C ALA B 19 -13.20 -8.76 21.90
N LEU B 20 -12.41 -8.41 20.89
CA LEU B 20 -11.51 -9.39 20.29
C LEU B 20 -10.44 -9.83 21.29
N THR B 21 -9.84 -8.86 21.98
CA THR B 21 -8.74 -9.17 22.91
C THR B 21 -9.23 -10.07 24.04
N ILE B 22 -10.36 -9.71 24.66
CA ILE B 22 -10.86 -10.52 25.76
C ILE B 22 -11.30 -11.90 25.27
N GLN B 23 -11.72 -12.01 24.01
CA GLN B 23 -12.04 -13.32 23.46
C GLN B 23 -10.79 -14.21 23.42
N LEU B 24 -9.64 -13.63 23.12
CA LEU B 24 -8.40 -14.41 23.15
C LEU B 24 -7.95 -14.70 24.57
N ILE B 25 -8.26 -13.81 25.51
CA ILE B 25 -7.79 -13.99 26.89
C ILE B 25 -8.72 -14.93 27.66
N GLN B 26 -10.01 -14.57 27.74
CA GLN B 26 -10.94 -15.25 28.63
C GLN B 26 -11.97 -16.11 27.90
N ASN B 27 -11.91 -16.18 26.57
CA ASN B 27 -12.73 -17.09 25.78
C ASN B 27 -14.23 -16.85 26.00
N HIS B 28 -14.62 -15.59 25.96
CA HIS B 28 -16.03 -15.22 25.96
C HIS B 28 -16.17 -13.81 25.39
N PHE B 29 -17.42 -13.44 25.11
CA PHE B 29 -17.74 -12.18 24.45
C PHE B 29 -18.27 -11.20 25.49
N VAL B 30 -17.51 -10.14 25.75
CA VAL B 30 -17.98 -9.05 26.60
C VAL B 30 -18.81 -8.09 25.77
N ASP B 31 -20.02 -7.80 26.23
CA ASP B 31 -20.97 -7.05 25.42
C ASP B 31 -20.71 -5.54 25.46
N GLU B 32 -20.19 -5.02 26.56
CA GLU B 32 -20.10 -3.58 26.77
C GLU B 32 -18.88 -3.25 27.62
N TYR B 33 -17.69 -3.53 27.09
CA TYR B 33 -16.46 -3.25 27.83
C TYR B 33 -16.15 -1.76 27.80
N ASP B 34 -15.55 -1.27 28.89
CA ASP B 34 -15.24 0.14 29.09
C ASP B 34 -14.44 0.69 27.91
N PRO B 35 -15.01 1.62 27.13
CA PRO B 35 -14.30 2.10 25.94
C PRO B 35 -13.11 2.99 26.23
N THR B 36 -12.96 3.47 27.46
CA THR B 36 -11.84 4.35 27.81
C THR B 36 -10.61 3.59 28.27
N ILE B 37 -10.75 2.35 28.74
CA ILE B 37 -9.66 1.63 29.36
C ILE B 37 -8.66 1.19 28.30
N GLU B 38 -7.40 1.61 28.47
CA GLU B 38 -6.29 1.23 27.61
C GLU B 38 -5.23 0.56 28.46
N ASP B 39 -5.05 -0.74 28.30
CA ASP B 39 -4.15 -1.50 29.15
C ASP B 39 -3.66 -2.72 28.37
N SER B 40 -2.74 -3.45 28.99
CA SER B 40 -2.17 -4.66 28.42
C SER B 40 -2.73 -5.89 29.11
N TYR B 41 -2.83 -6.98 28.36
CA TYR B 41 -3.40 -8.23 28.85
C TYR B 41 -2.54 -9.38 28.34
N ARG B 42 -2.24 -10.34 29.23
CA ARG B 42 -1.35 -11.43 28.92
C ARG B 42 -2.09 -12.76 28.89
N LYS B 43 -1.62 -13.67 28.03
CA LYS B 43 -2.18 -15.00 27.92
C LYS B 43 -1.16 -15.88 27.19
N GLN B 44 -0.95 -17.08 27.71
CA GLN B 44 0.00 -18.03 27.13
C GLN B 44 -0.77 -19.07 26.33
N VAL B 45 -0.44 -19.20 25.05
CA VAL B 45 -1.08 -20.14 24.15
C VAL B 45 -0.01 -20.92 23.39
N VAL B 46 -0.45 -21.96 22.68
CA VAL B 46 0.42 -22.81 21.88
C VAL B 46 0.13 -22.54 20.42
N ILE B 47 1.12 -22.06 19.68
CA ILE B 47 0.98 -21.67 18.29
C ILE B 47 1.98 -22.48 17.47
N ASP B 48 1.47 -23.37 16.62
CA ASP B 48 2.31 -24.27 15.82
C ASP B 48 3.24 -25.09 16.71
N GLY B 49 2.71 -25.56 17.84
CA GLY B 49 3.48 -26.34 18.78
C GLY B 49 4.38 -25.55 19.71
N GLU B 50 4.56 -24.26 19.47
CA GLU B 50 5.45 -23.44 20.27
C GLU B 50 4.66 -22.69 21.34
N THR B 51 5.06 -22.86 22.60
CA THR B 51 4.45 -22.12 23.70
C THR B 51 4.83 -20.65 23.58
N SER B 52 3.84 -19.78 23.52
CA SER B 52 4.08 -18.36 23.28
C SER B 52 3.22 -17.51 24.22
N LEU B 53 3.88 -16.60 24.93
CA LEU B 53 3.20 -15.67 25.83
C LEU B 53 2.85 -14.41 25.05
N LEU B 54 1.56 -14.18 24.85
CA LEU B 54 1.09 -13.03 24.08
C LEU B 54 0.77 -11.88 25.04
N ASP B 55 1.52 -10.80 24.93
CA ASP B 55 1.29 -9.59 25.71
C ASP B 55 0.60 -8.58 24.79
N ILE B 56 -0.70 -8.38 25.01
CA ILE B 56 -1.57 -7.66 24.09
C ILE B 56 -1.91 -6.31 24.69
N LEU B 57 -1.56 -5.24 23.99
CA LEU B 57 -1.93 -3.88 24.37
C LEU B 57 -3.21 -3.49 23.63
N ASP B 58 -4.28 -3.26 24.38
CA ASP B 58 -5.58 -2.92 23.83
C ASP B 58 -5.72 -1.40 23.89
N THR B 59 -5.51 -0.74 22.75
CA THR B 59 -5.59 0.72 22.72
C THR B 59 -7.04 1.18 22.88
N ALA B 60 -7.20 2.38 23.41
CA ALA B 60 -8.51 3.00 23.58
C ALA B 60 -8.32 4.47 23.91
N GLY B 61 -8.83 4.89 25.07
CA GLY B 61 -8.57 6.23 25.56
C GLY B 61 -9.15 7.30 24.65
N GLN B 62 -8.37 8.36 24.44
CA GLN B 62 -8.83 9.53 23.71
C GLN B 62 -8.19 9.59 22.33
N GLU B 63 -8.69 10.51 21.52
CA GLU B 63 -8.23 10.72 20.16
C GLU B 63 -7.13 11.77 20.16
N GLU B 64 -5.97 11.35 20.67
CA GLU B 64 -4.87 12.28 20.92
C GLU B 64 -3.55 11.58 20.69
N TYR B 65 -2.49 12.39 20.54
CA TYR B 65 -1.12 11.91 20.44
C TYR B 65 -0.44 12.03 21.79
N SER B 66 0.49 11.12 22.06
CA SER B 66 1.37 11.22 23.21
C SER B 66 2.65 10.45 22.92
N ALA B 67 3.74 10.90 23.55
CA ALA B 67 4.99 10.17 23.46
C ALA B 67 4.90 8.82 24.14
N MET B 68 3.98 8.66 25.10
CA MET B 68 3.80 7.38 25.78
C MET B 68 3.28 6.33 24.81
N ARG B 69 2.25 6.67 24.03
CA ARG B 69 1.71 5.72 23.06
C ARG B 69 2.68 5.45 21.92
N ASP B 70 3.59 6.37 21.63
CA ASP B 70 4.67 6.07 20.69
C ASP B 70 5.55 4.95 21.22
N GLN B 71 5.93 5.04 22.51
CA GLN B 71 6.73 3.98 23.12
C GLN B 71 6.00 2.65 23.08
N TYR B 72 4.67 2.67 23.17
CA TYR B 72 3.90 1.44 23.04
C TYR B 72 4.12 0.80 21.67
N MET B 73 4.06 1.60 20.61
CA MET B 73 4.28 1.07 19.27
C MET B 73 5.72 0.61 19.09
N ARG B 74 6.66 1.35 19.70
CA ARG B 74 8.07 0.97 19.62
C ARG B 74 8.33 -0.34 20.35
N THR B 75 7.62 -0.59 21.45
CA THR B 75 7.75 -1.87 22.14
C THR B 75 7.06 -2.98 21.35
N GLY B 76 5.90 -2.68 20.77
CA GLY B 76 5.13 -3.71 20.09
C GLY B 76 5.89 -4.31 18.91
N GLU B 77 5.62 -5.58 18.65
CA GLU B 77 6.25 -6.30 17.55
C GLU B 77 5.29 -6.64 16.42
N GLY B 78 4.00 -6.79 16.73
CA GLY B 78 2.99 -6.97 15.70
C GLY B 78 1.76 -6.14 16.02
N PHE B 79 1.00 -5.84 14.98
CA PHE B 79 -0.13 -4.94 15.08
C PHE B 79 -1.34 -5.50 14.36
N LEU B 80 -2.49 -5.43 15.00
CA LEU B 80 -3.77 -5.80 14.38
C LEU B 80 -4.46 -4.51 13.94
N LEU B 81 -4.62 -4.35 12.62
CA LEU B 81 -5.32 -3.21 12.05
C LEU B 81 -6.80 -3.58 11.96
N VAL B 82 -7.56 -3.17 12.97
CA VAL B 82 -8.93 -3.64 13.17
C VAL B 82 -9.91 -2.58 12.67
N PHE B 83 -10.90 -3.03 11.90
CA PHE B 83 -12.03 -2.20 11.51
C PHE B 83 -13.28 -3.07 11.57
N ALA B 84 -14.45 -2.41 11.54
CA ALA B 84 -15.72 -3.10 11.52
C ALA B 84 -16.29 -3.10 10.11
N ILE B 85 -16.78 -4.25 9.66
CA ILE B 85 -17.28 -4.38 8.30
C ILE B 85 -18.57 -3.60 8.07
N ASN B 86 -19.20 -3.10 9.13
CA ASN B 86 -20.40 -2.28 9.01
C ASN B 86 -20.12 -0.79 9.23
N ASN B 87 -18.86 -0.40 9.32
CA ASN B 87 -18.47 0.99 9.58
C ASN B 87 -17.39 1.37 8.58
N THR B 88 -17.79 2.11 7.54
CA THR B 88 -16.85 2.49 6.49
C THR B 88 -15.76 3.39 7.03
N LYS B 89 -16.10 4.28 7.97
CA LYS B 89 -15.10 5.21 8.50
C LYS B 89 -13.95 4.47 9.17
N SER B 90 -14.26 3.42 9.94
CA SER B 90 -13.19 2.65 10.58
C SER B 90 -12.28 2.02 9.54
N PHE B 91 -12.86 1.50 8.46
CA PHE B 91 -12.03 1.01 7.36
C PHE B 91 -11.20 2.13 6.76
N GLU B 92 -11.77 3.33 6.63
CA GLU B 92 -11.03 4.47 6.11
C GLU B 92 -9.96 4.97 7.07
N ASP B 93 -10.11 4.69 8.38
CA ASP B 93 -9.11 5.10 9.36
C ASP B 93 -7.92 4.16 9.42
N ILE B 94 -7.98 3.01 8.74
CA ILE B 94 -6.90 2.02 8.81
C ILE B 94 -5.59 2.64 8.34
N HIS B 95 -5.63 3.42 7.25
CA HIS B 95 -4.43 4.05 6.72
C HIS B 95 -3.77 4.94 7.77
N HIS B 96 -4.58 5.72 8.49
CA HIS B 96 -4.04 6.60 9.53
C HIS B 96 -3.32 5.79 10.61
N TYR B 97 -3.93 4.70 11.08
CA TYR B 97 -3.29 3.89 12.11
C TYR B 97 -2.01 3.25 11.62
N ARG B 98 -2.00 2.76 10.38
CA ARG B 98 -0.77 2.21 9.81
C ARG B 98 0.29 3.29 9.66
N GLU B 99 -0.11 4.51 9.29
CA GLU B 99 0.84 5.60 9.13
C GLU B 99 1.51 5.96 10.44
N GLN B 100 0.73 6.07 11.52
CA GLN B 100 1.31 6.44 12.80
C GLN B 100 2.25 5.37 13.33
N ILE B 101 1.94 4.09 13.06
CA ILE B 101 2.83 3.02 13.50
C ILE B 101 4.12 3.04 12.69
N LYS B 102 4.03 3.25 11.38
CA LYS B 102 5.23 3.41 10.57
C LYS B 102 6.03 4.63 10.99
N ARG B 103 5.35 5.68 11.47
CA ARG B 103 6.05 6.87 11.94
C ARG B 103 6.95 6.54 13.13
N VAL B 104 6.44 5.74 14.08
CA VAL B 104 7.21 5.44 15.28
C VAL B 104 8.35 4.48 14.96
N LYS B 105 8.04 3.36 14.30
CA LYS B 105 9.03 2.29 14.10
C LYS B 105 10.06 2.62 13.03
N ASP B 106 9.90 3.73 12.32
CA ASP B 106 10.87 4.20 11.32
C ASP B 106 11.14 3.12 10.26
N SER B 107 10.09 2.40 9.88
CA SER B 107 10.25 1.32 8.92
C SER B 107 8.92 1.07 8.22
N GLU B 108 9.00 0.41 7.06
CA GLU B 108 7.83 -0.02 6.33
C GLU B 108 7.60 -1.52 6.41
N ASP B 109 8.59 -2.29 6.90
CA ASP B 109 8.45 -3.73 7.05
C ASP B 109 8.16 -4.01 8.52
N VAL B 110 6.88 -3.93 8.87
CA VAL B 110 6.44 -4.14 10.25
C VAL B 110 5.35 -5.21 10.25
N PRO B 111 5.44 -6.21 11.14
CA PRO B 111 4.41 -7.27 11.16
C PRO B 111 3.04 -6.69 11.48
N MET B 112 2.09 -6.91 10.56
CA MET B 112 0.75 -6.38 10.70
C MET B 112 -0.25 -7.35 10.10
N VAL B 113 -1.48 -7.29 10.63
CA VAL B 113 -2.59 -8.07 10.10
C VAL B 113 -3.82 -7.16 10.02
N LEU B 114 -4.48 -7.15 8.87
CA LEU B 114 -5.71 -6.40 8.70
C LEU B 114 -6.89 -7.26 9.16
N VAL B 115 -7.69 -6.72 10.07
CA VAL B 115 -8.78 -7.47 10.70
C VAL B 115 -10.09 -6.77 10.38
N GLY B 116 -11.00 -7.50 9.75
CA GLY B 116 -12.36 -7.00 9.54
C GLY B 116 -13.31 -7.61 10.54
N ASN B 117 -13.62 -6.88 11.61
CA ASN B 117 -14.37 -7.44 12.71
C ASN B 117 -15.87 -7.36 12.46
N LYS B 118 -16.63 -7.99 13.35
CA LYS B 118 -18.10 -7.98 13.31
C LYS B 118 -18.63 -8.66 12.05
N SER B 119 -18.01 -9.79 11.69
CA SER B 119 -18.42 -10.55 10.52
C SER B 119 -19.77 -11.23 10.68
N ASP B 120 -20.33 -11.24 11.89
CA ASP B 120 -21.63 -11.83 12.13
C ASP B 120 -22.79 -10.90 11.78
N LEU B 121 -22.53 -9.61 11.60
CA LEU B 121 -23.59 -8.64 11.36
C LEU B 121 -24.00 -8.63 9.90
N PRO B 122 -25.29 -8.41 9.62
CA PRO B 122 -25.74 -8.34 8.22
C PRO B 122 -25.55 -6.94 7.64
N SER B 123 -25.69 -6.88 6.32
CA SER B 123 -25.62 -5.64 5.56
C SER B 123 -24.34 -4.86 5.89
N ARG B 124 -23.21 -5.46 5.53
CA ARG B 124 -21.93 -4.80 5.70
C ARG B 124 -21.79 -3.65 4.71
N THR B 125 -21.02 -2.64 5.09
CA THR B 125 -20.75 -1.50 4.23
C THR B 125 -19.37 -1.55 3.60
N VAL B 126 -18.52 -2.48 4.01
CA VAL B 126 -17.18 -2.66 3.44
C VAL B 126 -17.11 -4.05 2.84
N ASP B 127 -16.91 -4.12 1.52
CA ASP B 127 -16.86 -5.40 0.85
C ASP B 127 -15.54 -6.12 1.15
N THR B 128 -15.60 -7.45 1.17
CA THR B 128 -14.39 -8.24 1.34
C THR B 128 -13.38 -7.93 0.24
N LYS B 129 -13.86 -7.67 -0.98
CA LYS B 129 -12.97 -7.40 -2.10
C LYS B 129 -12.07 -6.22 -1.82
N GLN B 130 -12.64 -5.09 -1.41
CA GLN B 130 -11.82 -3.91 -1.18
C GLN B 130 -10.96 -4.04 0.07
N ALA B 131 -11.41 -4.83 1.05
CA ALA B 131 -10.56 -5.12 2.20
C ALA B 131 -9.35 -5.95 1.78
N GLN B 132 -9.56 -6.92 0.89
CA GLN B 132 -8.46 -7.75 0.41
C GLN B 132 -7.48 -6.94 -0.44
N ASP B 133 -7.99 -6.01 -1.25
CA ASP B 133 -7.11 -5.16 -2.05
C ASP B 133 -6.21 -4.32 -1.16
N LEU B 134 -6.76 -3.81 -0.05
CA LEU B 134 -5.98 -2.97 0.85
C LEU B 134 -4.84 -3.76 1.48
N ALA B 135 -5.15 -4.91 2.09
CA ALA B 135 -4.11 -5.75 2.65
C ALA B 135 -3.10 -6.16 1.59
N ARG B 136 -3.58 -6.43 0.37
CA ARG B 136 -2.68 -6.77 -0.73
C ARG B 136 -1.70 -5.64 -0.98
N SER B 137 -2.18 -4.40 -1.03
CA SER B 137 -1.29 -3.27 -1.22
C SER B 137 -0.37 -3.08 -0.01
N TYR B 138 -0.87 -3.36 1.20
CA TYR B 138 -0.01 -3.31 2.38
C TYR B 138 0.95 -4.49 2.44
N GLY B 139 0.66 -5.57 1.72
CA GLY B 139 1.48 -6.76 1.83
C GLY B 139 1.30 -7.53 3.13
N ILE B 140 0.08 -7.52 3.68
CA ILE B 140 -0.19 -8.15 4.97
C ILE B 140 -1.41 -9.06 4.80
N PRO B 141 -1.58 -10.03 5.70
CA PRO B 141 -2.78 -10.86 5.64
C PRO B 141 -4.03 -10.09 6.03
N PHE B 142 -5.18 -10.61 5.59
CA PHE B 142 -6.48 -10.07 5.95
C PHE B 142 -7.34 -11.19 6.53
N ILE B 143 -7.84 -10.99 7.75
CA ILE B 143 -8.66 -11.95 8.44
C ILE B 143 -9.99 -11.30 8.78
N GLU B 144 -11.09 -11.98 8.46
CA GLU B 144 -12.41 -11.58 8.91
C GLU B 144 -12.71 -12.28 10.24
N THR B 145 -13.07 -11.49 11.25
CA THR B 145 -13.30 -12.02 12.58
C THR B 145 -14.68 -11.59 13.08
N SER B 146 -15.09 -12.25 14.16
CA SER B 146 -16.30 -11.86 14.89
C SER B 146 -16.05 -12.16 16.37
N ALA B 147 -15.91 -11.12 17.17
CA ALA B 147 -15.72 -11.33 18.60
C ALA B 147 -16.94 -11.96 19.25
N LYS B 148 -18.11 -11.84 18.64
CA LYS B 148 -19.31 -12.40 19.22
C LYS B 148 -19.33 -13.92 19.11
N THR B 149 -19.06 -14.44 17.92
CA THR B 149 -19.05 -15.88 17.68
C THR B 149 -17.66 -16.49 17.82
N ARG B 150 -16.64 -15.68 18.10
CA ARG B 150 -15.24 -16.08 18.18
C ARG B 150 -14.69 -16.59 16.86
N GLN B 151 -15.43 -16.44 15.76
CA GLN B 151 -14.96 -16.92 14.47
C GLN B 151 -13.79 -16.06 13.99
N GLY B 152 -12.65 -16.70 13.72
CA GLY B 152 -11.48 -16.02 13.21
C GLY B 152 -10.60 -15.35 14.25
N VAL B 153 -11.00 -15.36 15.52
CA VAL B 153 -10.23 -14.67 16.56
C VAL B 153 -8.85 -15.29 16.70
N ASP B 154 -8.79 -16.61 16.87
CA ASP B 154 -7.50 -17.29 16.99
C ASP B 154 -6.67 -17.12 15.72
N ASP B 155 -7.29 -17.34 14.56
CA ASP B 155 -6.58 -17.17 13.30
C ASP B 155 -5.98 -15.78 13.18
N ALA B 156 -6.70 -14.76 13.66
CA ALA B 156 -6.20 -13.40 13.58
C ALA B 156 -4.94 -13.21 14.42
N PHE B 157 -5.00 -13.60 15.70
CA PHE B 157 -3.85 -13.42 16.58
C PHE B 157 -2.72 -14.38 16.24
N TYR B 158 -3.04 -15.59 15.78
CA TYR B 158 -1.99 -16.55 15.44
C TYR B 158 -1.25 -16.14 14.17
N THR B 159 -1.98 -15.62 13.18
CA THR B 159 -1.34 -15.16 11.95
C THR B 159 -0.34 -14.06 12.23
N LEU B 160 -0.68 -13.12 13.13
CA LEU B 160 0.23 -12.03 13.46
C LEU B 160 1.49 -12.56 14.12
N VAL B 161 1.34 -13.52 15.03
CA VAL B 161 2.50 -14.13 15.68
C VAL B 161 3.40 -14.79 14.64
N ARG B 162 2.80 -15.48 13.67
CA ARG B 162 3.58 -16.06 12.58
C ARG B 162 4.23 -14.98 11.73
N GLU B 163 3.56 -13.86 11.54
CA GLU B 163 4.18 -12.73 10.84
C GLU B 163 5.38 -12.20 11.61
N ILE B 164 5.29 -12.19 12.95
CA ILE B 164 6.43 -11.78 13.76
C ILE B 164 7.56 -12.80 13.63
N ARG B 165 7.22 -14.09 13.61
CA ARG B 165 8.23 -15.13 13.43
C ARG B 165 8.93 -14.99 12.08
N LYS B 166 8.17 -14.65 11.03
CA LYS B 166 8.78 -14.37 9.74
C LYS B 166 9.73 -13.18 9.85
N HIS B 167 9.32 -12.13 10.56
CA HIS B 167 10.13 -10.92 10.66
C HIS B 167 11.44 -11.18 11.39
N LYS B 168 11.40 -12.03 12.43
CA LYS B 168 12.63 -12.36 13.15
C LYS B 168 13.60 -13.12 12.26
N GLU B 169 13.10 -14.09 11.50
CA GLU B 169 13.96 -14.82 10.57
C GLU B 169 14.44 -13.91 9.43
N LYS B 170 13.64 -12.93 9.04
CA LYS B 170 14.01 -12.02 7.97
C LYS B 170 15.00 -10.97 8.47
C1 MKZ C . 5.17 -5.64 -24.17
C2 MKZ C . 5.51 -4.73 -23.06
C3 MKZ C . 6.59 -4.26 -20.92
C7 MKZ C . 8.13 -7.10 -16.12
C8 MKZ C . 9.08 -6.76 -15.15
C9 MKZ C . 10.03 -5.78 -15.45
C10 MKZ C . 11.06 -5.40 -14.45
C11 MKZ C . 10.82 -4.37 -13.55
C12 MKZ C . 9.52 -3.61 -13.57
C13 MKZ C . 11.79 -4.02 -12.62
C14 MKZ C . 13.00 -4.68 -12.57
C15 MKZ C . 13.26 -5.72 -13.46
C16 MKZ C . 12.82 -7.16 -15.15
C19 MKZ C . 9.11 -5.47 -17.65
C20 MKZ C . 8.14 -6.45 -17.38
C21 MKZ C . 6.55 -7.15 -20.59
C22 MKZ C . 6.74 -6.56 -21.99
CL MKZ C . 11.22 -3.93 -17.03
C18 MKZ C . 10.04 -5.15 -16.70
C17 MKZ C . 12.29 -6.09 -14.41
N5 MKZ C . 14.02 -7.42 -14.71
N4 MKZ C . 14.33 -6.55 -13.65
N3 MKZ C . 7.20 -8.04 -15.89
C6 MKZ C . 6.31 -8.35 -16.82
N2 MKZ C . 6.29 -7.76 -18.00
C5 MKZ C . 7.16 -6.82 -18.34
N1 MKZ C . 7.11 -6.24 -19.60
C4 MKZ C . 6.35 -4.97 -19.59
N MKZ C . 6.25 -5.17 -22.02
O MKZ C . 5.12 -3.58 -23.08
C MKZ C . 4.52 -4.84 -25.23
PB GDP D . 2.87 0.13 -24.66
O1B GDP D . 2.73 0.08 -23.15
O2B GDP D . 4.12 0.88 -25.04
O3B GDP D . 2.97 -1.28 -25.19
O3A GDP D . 1.55 0.84 -25.26
PA GDP D . 1.53 1.50 -26.72
O1A GDP D . 2.25 0.65 -27.73
O2A GDP D . 2.12 2.89 -26.66
O5' GDP D . -0.05 1.58 -27.03
C5' GDP D . -0.74 0.44 -27.51
C4' GDP D . -2.06 0.88 -28.14
O4' GDP D . -2.80 1.66 -27.20
C3' GDP D . -1.78 1.78 -29.34
O3' GDP D . -2.44 1.25 -30.48
C2' GDP D . -2.36 3.13 -29.00
O2' GDP D . -3.09 3.65 -30.10
C1' GDP D . -3.28 2.85 -27.82
N9 GDP D . -3.25 3.98 -26.85
C8 GDP D . -2.19 4.37 -26.11
N7 GDP D . -2.52 5.42 -25.32
C5 GDP D . -3.81 5.71 -25.54
C6 GDP D . -4.79 6.70 -25.04
O6 GDP D . -4.47 7.55 -24.18
N1 GDP D . -6.04 6.66 -25.52
C2 GDP D . -6.41 5.75 -26.45
N2 GDP D . -7.69 5.78 -26.90
N3 GDP D . -5.57 4.82 -26.96
C4 GDP D . -4.29 4.76 -26.55
MG MG E . 5.86 0.19 -26.02
C1 MKZ F . -12.18 5.05 21.69
C2 MKZ F . -11.06 4.30 21.10
C3 MKZ F . -8.82 4.18 20.12
C7 MKZ F . -5.02 7.44 17.31
C8 MKZ F . -3.64 7.24 17.18
C9 MKZ F . -2.97 6.36 18.01
C10 MKZ F . -1.52 6.17 17.84
C11 MKZ F . -1.01 5.17 17.02
C12 MKZ F . -1.94 4.23 16.30
C13 MKZ F . 0.37 5.02 16.86
C14 MKZ F . 1.24 5.86 17.51
C15 MKZ F . 0.77 6.87 18.34
C16 MKZ F . -0.81 8.14 19.37
C19 MKZ F . -5.04 5.83 19.14
C20 MKZ F . -5.72 6.72 18.31
C21 MKZ F . -9.14 7.04 19.65
C22 MKZ F . -9.84 6.41 20.85
CL MKZ F . -2.86 4.54 20.05
C18 MKZ F . -3.69 5.65 19.00
C17 MKZ F . -0.62 7.04 18.51
N5 MKZ F . 0.37 8.59 19.71
N4 MKZ F . 1.37 7.85 19.09
N3 MKZ F . -5.70 8.29 16.52
C6 MKZ F . -6.99 8.46 16.67
N2 MKZ F . -7.69 7.82 17.59
C5 MKZ F . -7.13 6.95 18.43
N1 MKZ F . -7.90 6.30 19.36
C4 MKZ F . -8.25 4.95 18.93
N MKZ F . -9.94 4.95 20.70
O MKZ F . -11.13 3.09 20.97
C MKZ F . -13.27 4.12 22.02
PB GDP G . -13.33 -0.98 21.04
O1B GDP G . -12.57 -1.63 22.18
O2B GDP G . -12.43 -0.82 19.84
O3B GDP G . -13.80 0.39 21.49
O3A GDP G . -14.60 -1.87 20.62
PA GDP G . -15.48 -2.65 21.72
O1A GDP G . -14.87 -4.00 22.03
O2A GDP G . -15.66 -1.84 22.98
O5' GDP G . -16.89 -2.84 20.95
C5' GDP G . -17.93 -1.88 21.08
C4' GDP G . -19.26 -2.51 20.74
O4' GDP G . -19.15 -3.29 19.55
C3' GDP G . -19.71 -3.44 21.86
O3' GDP G . -20.96 -2.98 22.39
C2' GDP G . -19.90 -4.81 21.23
O2' GDP G . -21.17 -5.35 21.57
C1' GDP G . -19.79 -4.56 19.73
N9 GDP G . -19.01 -5.64 19.06
C8 GDP G . -17.66 -5.78 19.10
N7 GDP G . -17.27 -6.86 18.37
C5 GDP G . -18.38 -7.42 17.84
C6 GDP G . -18.69 -8.58 16.97
O6 GDP G . -17.78 -9.33 16.54
N1 GDP G . -19.97 -8.81 16.67
C2 GDP G . -20.97 -8.03 17.12
N2 GDP G . -22.24 -8.34 16.76
N3 GDP G . -20.77 -6.96 17.91
C4 GDP G . -19.52 -6.61 18.30
MG MG H . -12.10 -0.84 24.07
C1 GOL I . -3.51 12.45 15.89
O1 GOL I . -4.89 12.53 15.73
C2 GOL I . -3.21 11.10 16.60
O2 GOL I . -4.22 10.18 16.39
C3 GOL I . -1.86 10.62 15.99
O3 GOL I . -0.93 10.61 17.02
#